data_4G8N
#
_entry.id   4G8N
#
_cell.length_a   67.821
_cell.length_b   67.821
_cell.length_c   122.881
_cell.angle_alpha   90.000
_cell.angle_beta   90.000
_cell.angle_gamma   90.000
#
_symmetry.space_group_name_H-M   'P 41 2 2'
#
loop_
_entity.id
_entity.type
_entity.pdbx_description
1 polymer 'Glutamate receptor, ionotropic kainate 3'
2 non-polymer '(1S,2R)-2-[(S)-amino(carboxy)methyl]cyclobutanecarboxylic acid'
3 non-polymer 'CHLORIDE ION'
4 non-polymer 'POTASSIUM ION'
5 water water
#
_entity_poly.entity_id   1
_entity_poly.type   'polypeptide(L)'
_entity_poly.pdbx_seq_one_letter_code
;GPGTNRSLIVTTLLEEPFVMFRKSDRTLYGNDRFEGYCIDLLKELAHILGFSYEIRLVEDGKYGAQDDKGQWNGMVKELI
DHKADLAVAPLTITHVREKAIDFSKPFMTLGVSILYRKGTPIDSADDLAKQTKIEYGAVKDGATMTFFKKSKISTFEKMW
AFMSSKPSALVKNNEEGIQRTLTADYALLMESTTIEYITQRNCNLTQIGGLIDSKGYGIGTPMGSPYRDKITIAILQLQE
EDKLHIMKEKWWRGSGCP
;
_entity_poly.pdbx_strand_id   A
#
# COMPACT_ATOMS: atom_id res chain seq x y z
N THR A 4 13.35 -7.91 -25.00
CA THR A 4 13.91 -8.96 -24.16
C THR A 4 15.16 -8.44 -23.43
N ASN A 5 15.59 -7.25 -23.83
CA ASN A 5 16.71 -6.58 -23.17
C ASN A 5 16.40 -5.12 -22.90
N ARG A 6 15.25 -4.66 -23.38
CA ARG A 6 14.80 -3.30 -23.12
C ARG A 6 14.57 -3.10 -21.64
N SER A 7 14.56 -1.84 -21.21
CA SER A 7 14.26 -1.53 -19.82
C SER A 7 12.77 -1.70 -19.55
N LEU A 8 12.43 -2.40 -18.47
CA LEU A 8 11.04 -2.57 -18.08
C LEU A 8 10.46 -1.25 -17.59
N ILE A 9 9.21 -0.98 -17.91
CA ILE A 9 8.55 0.19 -17.35
C ILE A 9 7.98 -0.14 -15.98
N VAL A 10 8.38 0.61 -14.97
CA VAL A 10 7.90 0.37 -13.62
C VAL A 10 6.94 1.46 -13.18
N THR A 11 5.70 1.09 -12.88
CA THR A 11 4.76 2.05 -12.35
C THR A 11 4.82 1.96 -10.84
N THR A 12 4.57 3.09 -10.19
CA THR A 12 4.68 3.17 -8.75
C THR A 12 3.98 4.44 -8.31
N LEU A 13 3.89 4.65 -7.00
CA LEU A 13 3.49 5.94 -6.43
C LEU A 13 4.21 6.19 -5.10
N LEU A 14 4.21 7.45 -4.68
CA LEU A 14 4.90 7.85 -3.46
C LEU A 14 4.15 7.40 -2.21
N GLU A 15 4.83 6.64 -1.36
CA GLU A 15 4.24 6.07 -0.16
C GLU A 15 5.39 5.76 0.80
N GLU A 16 5.52 6.52 1.87
CA GLU A 16 6.61 6.27 2.82
C GLU A 16 6.31 4.97 3.58
N PRO A 17 7.35 4.17 3.85
CA PRO A 17 8.74 4.40 3.43
C PRO A 17 9.08 3.47 2.28
N PHE A 18 8.07 3.06 1.52
CA PHE A 18 8.31 2.18 0.37
C PHE A 18 8.93 2.93 -0.79
N VAL A 19 8.33 4.05 -1.17
CA VAL A 19 8.76 4.83 -2.31
C VAL A 19 8.70 6.31 -1.97
N MET A 20 9.85 6.99 -2.01
CA MET A 20 9.95 8.38 -1.59
C MET A 20 10.90 9.13 -2.51
N PHE A 21 10.75 10.46 -2.58
CA PHE A 21 11.71 11.31 -3.27
C PHE A 21 12.90 11.46 -2.36
N ARG A 22 14.10 11.11 -2.82
CA ARG A 22 15.24 11.24 -1.93
C ARG A 22 15.68 12.70 -1.85
N LYS A 23 16.36 13.03 -0.77
CA LYS A 23 16.77 14.40 -0.47
C LYS A 23 18.08 14.76 -1.19
N SER A 24 18.11 15.98 -1.74
CA SER A 24 19.28 16.45 -2.48
C SER A 24 19.19 17.95 -2.74
N ASP A 25 20.33 18.61 -2.80
CA ASP A 25 20.36 20.05 -3.08
C ASP A 25 20.03 20.35 -4.52
N ARG A 26 20.53 19.52 -5.42
CA ARG A 26 20.27 19.73 -6.83
C ARG A 26 18.95 19.10 -7.27
N THR A 27 18.56 19.39 -8.50
CA THR A 27 17.34 18.82 -9.05
C THR A 27 17.67 17.45 -9.63
N LEU A 28 16.91 16.44 -9.19
CA LEU A 28 17.13 15.07 -9.61
C LEU A 28 16.22 14.70 -10.78
N TYR A 29 16.60 13.66 -11.50
CA TYR A 29 15.80 13.14 -12.59
C TYR A 29 15.97 11.62 -12.73
N GLY A 30 15.09 10.99 -13.49
CA GLY A 30 15.14 9.55 -13.71
C GLY A 30 14.98 8.73 -12.43
N ASN A 31 15.56 7.54 -12.43
CA ASN A 31 15.43 6.61 -11.33
C ASN A 31 16.04 7.17 -10.06
N ASP A 32 16.99 8.09 -10.24
CA ASP A 32 17.77 8.68 -9.16
C ASP A 32 16.89 9.49 -8.19
N ARG A 33 15.69 9.84 -8.62
CA ARG A 33 14.78 10.62 -7.78
C ARG A 33 14.29 9.82 -6.57
N PHE A 34 14.31 8.50 -6.71
CA PHE A 34 13.56 7.62 -5.80
C PHE A 34 14.43 6.80 -4.82
N GLU A 35 13.88 6.59 -3.64
CA GLU A 35 14.50 5.71 -2.65
C GLU A 35 13.40 5.13 -1.75
N GLY A 36 13.74 4.10 -0.99
CA GLY A 36 12.80 3.43 -0.12
C GLY A 36 12.91 1.91 -0.18
N TYR A 37 12.11 1.25 0.65
CA TYR A 37 12.06 -0.20 0.68
C TYR A 37 11.81 -0.81 -0.71
N CYS A 38 10.80 -0.32 -1.42
CA CYS A 38 10.46 -0.86 -2.72
C CYS A 38 11.52 -0.58 -3.78
N ILE A 39 12.24 0.53 -3.62
CA ILE A 39 13.35 0.84 -4.52
C ILE A 39 14.54 -0.10 -4.27
N ASP A 40 14.83 -0.37 -3.01
CA ASP A 40 15.86 -1.35 -2.64
C ASP A 40 15.54 -2.73 -3.20
N LEU A 41 14.28 -3.13 -3.05
CA LEU A 41 13.82 -4.43 -3.51
C LEU A 41 13.98 -4.54 -5.01
N LEU A 42 13.52 -3.50 -5.70
CA LEU A 42 13.65 -3.44 -7.15
C LEU A 42 15.11 -3.57 -7.58
N LYS A 43 15.99 -2.80 -6.94
CA LYS A 43 17.41 -2.82 -7.27
C LYS A 43 17.99 -4.22 -7.08
N GLU A 44 17.60 -4.85 -5.99
CA GLU A 44 18.11 -6.18 -5.67
C GLU A 44 17.65 -7.17 -6.73
N LEU A 45 16.37 -7.09 -7.11
CA LEU A 45 15.82 -7.95 -8.15
C LEU A 45 16.52 -7.73 -9.48
N ALA A 46 16.74 -6.46 -9.83
CA ALA A 46 17.34 -6.14 -11.12
C ALA A 46 18.78 -6.66 -11.16
N HIS A 47 19.44 -6.62 -10.00
CA HIS A 47 20.80 -7.14 -9.90
C HIS A 47 20.79 -8.65 -10.10
N ILE A 48 19.93 -9.33 -9.36
CA ILE A 48 19.82 -10.78 -9.43
C ILE A 48 19.46 -11.28 -10.81
N LEU A 49 18.51 -10.61 -11.46
CA LEU A 49 17.93 -11.11 -12.69
C LEU A 49 18.52 -10.46 -13.95
N GLY A 50 19.32 -9.42 -13.76
CA GLY A 50 19.94 -8.74 -14.88
C GLY A 50 18.93 -8.04 -15.77
N PHE A 51 18.05 -7.22 -15.20
CA PHE A 51 17.22 -6.35 -16.02
C PHE A 51 17.39 -4.91 -15.59
N SER A 52 16.95 -3.97 -16.44
CA SER A 52 16.99 -2.55 -16.12
C SER A 52 15.58 -2.02 -16.23
N TYR A 53 15.36 -0.80 -15.80
CA TYR A 53 14.01 -0.27 -15.68
C TYR A 53 13.98 1.24 -15.72
N GLU A 54 12.81 1.79 -16.06
CA GLU A 54 12.52 3.21 -15.90
C GLU A 54 11.33 3.38 -14.95
N ILE A 55 11.53 4.10 -13.85
CA ILE A 55 10.46 4.30 -12.89
C ILE A 55 9.57 5.48 -13.29
N ARG A 56 8.26 5.25 -13.31
CA ARG A 56 7.29 6.30 -13.61
C ARG A 56 6.18 6.35 -12.57
N LEU A 57 5.81 7.55 -12.14
CA LEU A 57 4.73 7.71 -11.18
C LEU A 57 3.36 7.61 -11.85
N VAL A 58 2.46 6.81 -11.28
CA VAL A 58 1.13 6.65 -11.86
C VAL A 58 0.42 8.01 -11.77
N GLU A 59 -0.20 8.43 -12.86
CA GLU A 59 -0.69 9.81 -12.95
C GLU A 59 -1.80 10.14 -11.95
N ASP A 60 -2.78 9.25 -11.84
CA ASP A 60 -3.92 9.51 -10.98
C ASP A 60 -3.63 9.27 -9.51
N GLY A 61 -2.41 8.83 -9.19
CA GLY A 61 -2.02 8.63 -7.80
C GLY A 61 -2.81 7.58 -7.04
N LYS A 62 -3.41 6.64 -7.75
CA LYS A 62 -4.23 5.63 -7.09
C LYS A 62 -3.60 4.24 -7.19
N TYR A 63 -3.94 3.38 -6.24
CA TYR A 63 -3.50 1.99 -6.30
C TYR A 63 -4.35 1.22 -7.30
N GLY A 64 -5.67 1.30 -7.15
CA GLY A 64 -6.57 0.77 -8.17
C GLY A 64 -7.82 0.10 -7.66
N ALA A 65 -8.96 0.50 -8.20
CA ALA A 65 -10.24 -0.11 -7.89
C ALA A 65 -11.16 -0.06 -9.09
N GLN A 66 -12.19 -0.89 -9.05
CA GLN A 66 -13.15 -1.02 -10.13
C GLN A 66 -14.37 -0.19 -9.81
N ASP A 67 -14.79 0.69 -10.72
CA ASP A 67 -16.05 1.40 -10.51
C ASP A 67 -17.22 0.48 -10.84
N ASP A 68 -18.44 0.99 -10.68
CA ASP A 68 -19.62 0.12 -10.79
C ASP A 68 -19.91 -0.35 -12.22
N LYS A 69 -19.08 0.06 -13.17
CA LYS A 69 -19.16 -0.43 -14.54
C LYS A 69 -17.98 -1.35 -14.90
N GLY A 70 -17.26 -1.81 -13.88
CA GLY A 70 -16.15 -2.73 -14.06
C GLY A 70 -14.88 -2.10 -14.63
N GLN A 71 -14.82 -0.77 -14.63
CA GLN A 71 -13.68 -0.07 -15.17
C GLN A 71 -12.65 0.17 -14.07
N TRP A 72 -11.39 -0.12 -14.38
CA TRP A 72 -10.29 -0.01 -13.41
C TRP A 72 -9.53 1.32 -13.51
N ASN A 73 -8.85 1.70 -12.43
CA ASN A 73 -7.98 2.88 -12.43
C ASN A 73 -6.65 2.62 -11.71
N GLY A 74 -5.86 3.67 -11.48
CA GLY A 74 -4.64 3.55 -10.71
C GLY A 74 -3.59 2.67 -11.38
N MET A 75 -2.70 2.11 -10.57
CA MET A 75 -1.66 1.23 -11.06
C MET A 75 -2.24 -0.05 -11.66
N VAL A 76 -3.36 -0.51 -11.13
CA VAL A 76 -3.98 -1.71 -11.65
C VAL A 76 -4.34 -1.51 -13.12
N LYS A 77 -4.89 -0.33 -13.43
CA LYS A 77 -5.23 0.02 -14.81
C LYS A 77 -4.00 0.09 -15.72
N GLU A 78 -2.92 0.69 -15.22
CA GLU A 78 -1.65 0.77 -15.95
C GLU A 78 -1.17 -0.61 -16.37
N LEU A 79 -1.29 -1.57 -15.46
CA LEU A 79 -0.90 -2.94 -15.77
C LEU A 79 -1.88 -3.57 -16.78
N ILE A 80 -3.17 -3.39 -16.55
CA ILE A 80 -4.18 -3.91 -17.46
C ILE A 80 -3.95 -3.46 -18.91
N ASP A 81 -3.69 -2.17 -19.09
CA ASP A 81 -3.45 -1.60 -20.42
C ASP A 81 -2.05 -1.87 -20.93
N HIS A 82 -1.26 -2.61 -20.17
CA HIS A 82 0.14 -2.86 -20.50
C HIS A 82 0.96 -1.59 -20.73
N LYS A 83 0.67 -0.54 -19.96
CA LYS A 83 1.49 0.67 -19.99
C LYS A 83 2.69 0.56 -19.05
N ALA A 84 2.69 -0.47 -18.21
CA ALA A 84 3.85 -0.74 -17.38
C ALA A 84 4.07 -2.24 -17.31
N ASP A 85 5.31 -2.65 -17.11
CA ASP A 85 5.63 -4.06 -17.01
C ASP A 85 5.49 -4.53 -15.56
N LEU A 86 5.77 -3.62 -14.63
CA LEU A 86 5.73 -3.97 -13.22
C LEU A 86 5.10 -2.86 -12.43
N ALA A 87 4.38 -3.24 -11.37
CA ALA A 87 3.98 -2.26 -10.38
C ALA A 87 4.78 -2.56 -9.13
N VAL A 88 5.73 -1.67 -8.82
CA VAL A 88 6.58 -1.87 -7.66
C VAL A 88 6.21 -0.86 -6.60
N ALA A 89 5.48 -1.35 -5.60
CA ALA A 89 4.82 -0.50 -4.62
C ALA A 89 4.24 -1.42 -3.56
N PRO A 90 3.71 -0.85 -2.47
CA PRO A 90 2.98 -1.77 -1.57
C PRO A 90 1.58 -2.04 -2.14
N LEU A 91 1.55 -2.87 -3.17
CA LEU A 91 0.33 -3.21 -3.89
C LEU A 91 -0.24 -4.52 -3.38
N THR A 92 -1.35 -4.39 -2.69
CA THR A 92 -1.99 -5.51 -2.02
C THR A 92 -2.52 -6.55 -3.00
N ILE A 93 -2.13 -7.81 -2.79
CA ILE A 93 -2.63 -8.92 -3.58
C ILE A 93 -4.05 -9.19 -3.11
N THR A 94 -5.03 -9.11 -4.01
CA THR A 94 -6.42 -9.39 -3.61
C THR A 94 -7.12 -10.21 -4.65
N HIS A 95 -8.21 -10.84 -4.21
CA HIS A 95 -8.98 -11.74 -5.06
C HIS A 95 -9.58 -10.96 -6.23
N VAL A 96 -10.14 -9.80 -5.95
CA VAL A 96 -10.73 -8.99 -7.02
C VAL A 96 -9.68 -8.54 -8.06
N ARG A 97 -8.49 -8.13 -7.61
CA ARG A 97 -7.42 -7.73 -8.54
C ARG A 97 -6.88 -8.92 -9.34
N GLU A 98 -6.86 -10.11 -8.73
CA GLU A 98 -6.33 -11.30 -9.40
C GLU A 98 -7.22 -11.74 -10.55
N LYS A 99 -8.41 -11.17 -10.66
CA LYS A 99 -9.27 -11.43 -11.83
C LYS A 99 -8.77 -10.69 -13.06
N ALA A 100 -7.97 -9.64 -12.85
CA ALA A 100 -7.52 -8.78 -13.97
C ALA A 100 -6.01 -8.67 -14.16
N ILE A 101 -5.24 -8.78 -13.09
CA ILE A 101 -3.79 -8.72 -13.22
C ILE A 101 -3.11 -9.85 -12.43
N ASP A 102 -1.80 -9.96 -12.58
N ASP A 102 -1.80 -9.97 -12.58
CA ASP A 102 -1.04 -10.95 -11.84
CA ASP A 102 -1.06 -10.97 -11.82
C ASP A 102 -0.11 -10.29 -10.82
C ASP A 102 -0.13 -10.30 -10.82
N PHE A 103 0.39 -11.08 -9.88
CA PHE A 103 1.27 -10.58 -8.84
C PHE A 103 2.38 -11.59 -8.64
N SER A 104 3.56 -11.12 -8.27
CA SER A 104 4.63 -11.99 -7.79
C SER A 104 4.13 -12.63 -6.52
N LYS A 105 4.85 -13.63 -6.04
CA LYS A 105 4.60 -14.11 -4.68
C LYS A 105 4.71 -12.92 -3.71
N PRO A 106 4.03 -12.99 -2.55
CA PRO A 106 4.08 -11.91 -1.56
C PRO A 106 5.50 -11.57 -1.06
N PHE A 107 5.82 -10.28 -0.96
CA PHE A 107 7.10 -9.88 -0.40
C PHE A 107 6.98 -9.40 1.06
N MET A 108 5.74 -9.19 1.48
CA MET A 108 5.49 -8.69 2.84
C MET A 108 4.06 -9.06 3.25
N THR A 109 3.90 -9.38 4.52
CA THR A 109 2.60 -9.71 5.08
C THR A 109 2.07 -8.53 5.88
N LEU A 110 0.79 -8.26 5.75
CA LEU A 110 0.15 -7.16 6.46
C LEU A 110 -1.32 -7.47 6.68
N GLY A 111 -1.99 -6.65 7.46
CA GLY A 111 -3.43 -6.71 7.60
C GLY A 111 -3.99 -5.33 7.83
N VAL A 112 -5.29 -5.19 7.59
CA VAL A 112 -5.98 -3.93 7.81
C VAL A 112 -6.19 -3.74 9.31
N SER A 113 -5.84 -2.56 9.80
CA SER A 113 -6.16 -2.17 11.17
C SER A 113 -6.56 -0.70 11.23
N ILE A 114 -6.47 -0.12 12.42
CA ILE A 114 -7.00 1.21 12.66
C ILE A 114 -5.92 2.15 13.18
N LEU A 115 -5.81 3.31 12.56
CA LEU A 115 -4.92 4.37 13.02
C LEU A 115 -5.70 5.49 13.69
N TYR A 116 -5.30 5.86 14.90
CA TYR A 116 -5.97 6.95 15.63
C TYR A 116 -5.08 7.55 16.72
N ARG A 117 -5.46 8.73 17.22
CA ARG A 117 -4.73 9.35 18.34
C ARG A 117 -4.85 8.55 19.64
N LYS A 118 -3.84 8.63 20.48
CA LYS A 118 -3.85 7.92 21.75
C LYS A 118 -4.88 8.51 22.72
N GLY A 119 -5.49 7.64 23.52
CA GLY A 119 -6.37 8.08 24.60
C GLY A 119 -7.85 8.06 24.29
N THR A 120 -8.28 7.08 23.50
CA THR A 120 -9.68 6.91 23.17
C THR A 120 -10.17 5.67 23.89
N PRO A 121 -11.43 5.67 24.33
CA PRO A 121 -11.95 4.41 24.86
C PRO A 121 -12.04 3.36 23.76
N ILE A 122 -12.12 3.83 22.51
CA ILE A 122 -12.27 2.96 21.34
C ILE A 122 -11.10 1.97 21.27
N ASP A 123 -11.43 0.68 21.21
CA ASP A 123 -10.39 -0.35 21.24
C ASP A 123 -10.60 -1.42 20.17
N SER A 124 -11.52 -1.17 19.25
CA SER A 124 -11.80 -2.13 18.18
C SER A 124 -12.64 -1.50 17.07
N ALA A 125 -12.72 -2.20 15.95
CA ALA A 125 -13.59 -1.78 14.86
C ALA A 125 -15.05 -1.72 15.32
N ASP A 126 -15.44 -2.70 16.14
CA ASP A 126 -16.77 -2.72 16.77
C ASP A 126 -17.11 -1.40 17.46
N ASP A 127 -16.18 -0.86 18.24
CA ASP A 127 -16.39 0.43 18.91
C ASP A 127 -16.53 1.60 17.94
N LEU A 128 -15.83 1.55 16.82
CA LEU A 128 -15.89 2.62 15.83
C LEU A 128 -17.25 2.60 15.18
N ALA A 129 -17.66 1.40 14.79
CA ALA A 129 -18.86 1.18 13.99
C ALA A 129 -20.14 1.60 14.70
N LYS A 130 -20.10 1.58 16.03
CA LYS A 130 -21.30 1.83 16.81
C LYS A 130 -21.38 3.27 17.32
N GLN A 131 -20.60 4.15 16.69
CA GLN A 131 -20.66 5.58 17.02
C GLN A 131 -20.44 6.42 15.75
N THR A 132 -20.64 7.74 15.85
CA THR A 132 -20.37 8.64 14.72
C THR A 132 -19.58 9.89 15.12
N LYS A 133 -19.34 10.05 16.41
CA LYS A 133 -18.56 11.16 16.93
C LYS A 133 -17.19 11.15 16.25
N ILE A 134 -16.48 10.05 16.43
CA ILE A 134 -15.24 9.82 15.72
C ILE A 134 -15.55 9.41 14.30
N GLU A 135 -15.17 10.24 13.35
CA GLU A 135 -15.35 9.90 11.94
C GLU A 135 -14.29 8.87 11.57
N TYR A 136 -14.55 8.09 10.53
CA TYR A 136 -13.57 7.13 10.05
C TYR A 136 -13.65 6.89 8.55
N GLY A 137 -12.54 6.46 7.97
CA GLY A 137 -12.50 6.19 6.55
C GLY A 137 -11.25 5.43 6.12
N ALA A 138 -10.93 5.55 4.84
CA ALA A 138 -9.83 4.82 4.23
C ALA A 138 -9.41 5.50 2.95
N VAL A 139 -8.25 5.13 2.42
CA VAL A 139 -7.76 5.64 1.15
C VAL A 139 -8.75 5.23 0.06
N LYS A 140 -9.12 6.19 -0.78
CA LYS A 140 -10.06 5.94 -1.86
C LYS A 140 -9.43 5.12 -3.00
N ASP A 141 -10.18 4.15 -3.47
CA ASP A 141 -9.81 3.32 -4.63
C ASP A 141 -8.57 2.44 -4.44
N GLY A 142 -8.41 1.92 -3.23
CA GLY A 142 -7.39 0.93 -2.93
C GLY A 142 -7.99 -0.34 -2.34
N ALA A 143 -7.12 -1.20 -1.80
CA ALA A 143 -7.54 -2.50 -1.29
C ALA A 143 -8.41 -2.40 -0.03
N THR A 144 -8.10 -1.43 0.82
CA THR A 144 -8.82 -1.29 2.09
C THR A 144 -10.28 -0.88 1.86
N MET A 145 -10.47 0.15 1.05
CA MET A 145 -11.80 0.55 0.63
C MET A 145 -12.57 -0.64 0.06
N THR A 146 -11.95 -1.33 -0.89
CA THR A 146 -12.59 -2.47 -1.56
C THR A 146 -12.99 -3.56 -0.56
N PHE A 147 -12.14 -3.82 0.43
CA PHE A 147 -12.44 -4.81 1.46
C PHE A 147 -13.76 -4.50 2.17
N PHE A 148 -13.94 -3.24 2.55
CA PHE A 148 -15.11 -2.84 3.31
C PHE A 148 -16.35 -2.85 2.44
N LYS A 149 -16.22 -2.33 1.23
CA LYS A 149 -17.30 -2.33 0.24
C LYS A 149 -17.82 -3.74 -0.05
N LYS A 150 -16.95 -4.74 0.03
CA LYS A 150 -17.34 -6.11 -0.33
C LYS A 150 -17.65 -6.99 0.89
N SER A 151 -17.42 -6.48 2.10
CA SER A 151 -17.60 -7.34 3.26
C SER A 151 -19.07 -7.59 3.55
N LYS A 152 -19.36 -8.79 4.06
CA LYS A 152 -20.70 -9.18 4.46
C LYS A 152 -20.75 -9.37 5.97
N ILE A 153 -19.65 -9.04 6.64
CA ILE A 153 -19.60 -9.04 8.09
C ILE A 153 -20.25 -7.75 8.61
N SER A 154 -21.19 -7.91 9.55
CA SER A 154 -22.09 -6.83 9.95
C SER A 154 -21.37 -5.55 10.34
N THR A 155 -20.41 -5.68 11.25
CA THR A 155 -19.60 -4.54 11.68
C THR A 155 -19.04 -3.77 10.50
N PHE A 156 -18.41 -4.49 9.56
CA PHE A 156 -17.75 -3.86 8.41
C PHE A 156 -18.79 -3.34 7.41
N GLU A 157 -19.95 -3.98 7.38
CA GLU A 157 -21.06 -3.50 6.57
C GLU A 157 -21.53 -2.13 7.04
N LYS A 158 -21.66 -1.97 8.36
CA LYS A 158 -22.07 -0.70 8.94
C LYS A 158 -21.00 0.37 8.69
N MET A 159 -19.73 -0.02 8.84
CA MET A 159 -18.63 0.91 8.59
C MET A 159 -18.62 1.38 7.15
N TRP A 160 -18.83 0.46 6.22
CA TRP A 160 -18.90 0.84 4.82
C TRP A 160 -20.13 1.67 4.50
N ALA A 161 -21.21 1.45 5.26
CA ALA A 161 -22.39 2.28 5.13
C ALA A 161 -22.03 3.71 5.51
N PHE A 162 -21.29 3.87 6.59
CA PHE A 162 -20.87 5.20 6.99
C PHE A 162 -19.93 5.83 5.96
N MET A 163 -18.87 5.11 5.62
CA MET A 163 -17.81 5.60 4.73
C MET A 163 -18.36 6.11 3.41
N SER A 164 -19.18 5.29 2.78
CA SER A 164 -19.72 5.60 1.46
C SER A 164 -20.79 6.69 1.52
N SER A 165 -21.19 7.10 2.71
CA SER A 165 -22.17 8.17 2.87
C SER A 165 -21.49 9.52 3.03
N LYS A 166 -20.41 9.54 3.80
CA LYS A 166 -19.58 10.74 3.95
C LYS A 166 -18.64 10.89 2.76
N PRO A 167 -18.75 12.04 2.06
CA PRO A 167 -17.88 12.31 0.91
C PRO A 167 -16.45 12.60 1.35
N SER A 168 -16.32 13.27 2.49
CA SER A 168 -15.00 13.61 3.02
C SER A 168 -14.26 12.40 3.60
N ALA A 169 -14.98 11.30 3.84
CA ALA A 169 -14.42 10.19 4.63
C ALA A 169 -13.30 9.41 3.94
N LEU A 170 -13.34 9.33 2.62
CA LEU A 170 -12.30 8.65 1.87
C LEU A 170 -11.22 9.64 1.47
N VAL A 171 -9.98 9.31 1.79
CA VAL A 171 -8.88 10.25 1.56
C VAL A 171 -8.15 9.90 0.28
N LYS A 172 -7.37 10.84 -0.24
CA LYS A 172 -6.70 10.62 -1.52
C LYS A 172 -5.58 9.59 -1.40
N ASN A 173 -4.97 9.53 -0.21
CA ASN A 173 -3.80 8.69 0.04
C ASN A 173 -3.51 8.62 1.54
N ASN A 174 -2.58 7.76 1.94
CA ASN A 174 -2.33 7.55 3.36
C ASN A 174 -1.97 8.87 4.02
N GLU A 175 -1.14 9.65 3.33
CA GLU A 175 -0.64 10.90 3.88
C GLU A 175 -1.75 11.85 4.28
N GLU A 176 -2.73 12.02 3.39
CA GLU A 176 -3.90 12.85 3.68
C GLU A 176 -4.67 12.29 4.86
N GLY A 177 -4.81 10.96 4.88
CA GLY A 177 -5.44 10.28 5.99
C GLY A 177 -4.76 10.48 7.33
N ILE A 178 -3.43 10.36 7.36
CA ILE A 178 -2.67 10.57 8.59
C ILE A 178 -2.81 12.01 9.07
N GLN A 179 -2.76 12.96 8.14
CA GLN A 179 -2.92 14.36 8.49
C GLN A 179 -4.29 14.59 9.10
N ARG A 180 -5.30 13.90 8.57
CA ARG A 180 -6.63 14.06 9.12
C ARG A 180 -6.74 13.51 10.54
N THR A 181 -6.04 12.42 10.85
CA THR A 181 -6.09 11.89 12.21
C THR A 181 -5.39 12.83 13.20
N LEU A 182 -4.49 13.66 12.69
CA LEU A 182 -3.75 14.55 13.58
C LEU A 182 -4.51 15.85 13.81
N THR A 183 -5.40 16.19 12.88
CA THR A 183 -6.04 17.49 12.92
C THR A 183 -7.52 17.43 13.20
N ALA A 184 -8.04 16.21 13.36
CA ALA A 184 -9.48 16.03 13.48
C ALA A 184 -9.83 14.77 14.23
N ASP A 185 -11.11 14.67 14.59
CA ASP A 185 -11.65 13.47 15.19
C ASP A 185 -11.90 12.44 14.09
N TYR A 186 -10.83 11.77 13.68
CA TYR A 186 -10.87 10.90 12.51
C TYR A 186 -9.94 9.72 12.69
N ALA A 187 -10.46 8.52 12.44
CA ALA A 187 -9.66 7.30 12.50
C ALA A 187 -9.47 6.78 11.08
N LEU A 188 -8.24 6.38 10.75
CA LEU A 188 -7.96 5.90 9.40
C LEU A 188 -7.82 4.38 9.35
N LEU A 189 -8.62 3.75 8.50
CA LEU A 189 -8.43 2.32 8.25
C LEU A 189 -7.22 2.18 7.32
N MET A 190 -6.19 1.53 7.82
CA MET A 190 -4.87 1.58 7.20
C MET A 190 -4.21 0.20 7.30
N GLU A 191 -3.29 -0.10 6.40
CA GLU A 191 -2.58 -1.38 6.46
C GLU A 191 -1.52 -1.35 7.55
N SER A 192 -1.30 -2.49 8.20
CA SER A 192 -0.60 -2.53 9.49
C SER A 192 0.90 -2.22 9.46
N THR A 193 1.57 -2.52 8.36
CA THR A 193 2.99 -2.23 8.26
C THR A 193 3.22 -0.72 8.20
N THR A 194 2.27 -0.03 7.58
CA THR A 194 2.37 1.43 7.51
C THR A 194 2.06 2.06 8.86
N ILE A 195 1.09 1.50 9.57
CA ILE A 195 0.75 1.98 10.91
C ILE A 195 1.98 1.85 11.81
N GLU A 196 2.62 0.71 11.71
CA GLU A 196 3.82 0.43 12.48
C GLU A 196 4.90 1.47 12.20
N TYR A 197 5.05 1.87 10.94
CA TYR A 197 6.07 2.86 10.59
C TYR A 197 5.66 4.25 11.11
N ILE A 198 4.40 4.61 10.90
CA ILE A 198 3.88 5.91 11.32
C ILE A 198 3.92 6.13 12.83
N THR A 199 3.51 5.11 13.61
CA THR A 199 3.46 5.23 15.08
C THR A 199 4.82 5.27 15.80
N GLN A 200 5.89 4.97 15.09
CA GLN A 200 7.23 5.13 15.67
C GLN A 200 7.68 6.57 15.50
N ARG A 201 6.97 7.30 14.65
CA ARG A 201 7.40 8.64 14.29
C ARG A 201 6.46 9.70 14.83
N ASN A 202 5.16 9.47 14.70
CA ASN A 202 4.19 10.37 15.29
C ASN A 202 3.67 9.75 16.58
N CYS A 203 4.28 10.20 17.67
CA CYS A 203 4.16 9.54 18.96
C CYS A 203 2.78 9.65 19.61
N ASN A 204 1.93 10.52 19.10
CA ASN A 204 0.58 10.60 19.63
C ASN A 204 -0.42 9.74 18.84
N LEU A 205 0.08 9.00 17.85
CA LEU A 205 -0.77 8.07 17.10
C LEU A 205 -0.55 6.64 17.55
N THR A 206 -1.52 5.78 17.30
CA THR A 206 -1.39 4.40 17.70
C THR A 206 -2.31 3.50 16.91
N GLN A 207 -2.00 2.21 16.87
CA GLN A 207 -2.90 1.23 16.29
C GLN A 207 -4.04 0.95 17.26
N ILE A 208 -5.26 1.02 16.76
CA ILE A 208 -6.41 0.60 17.54
C ILE A 208 -6.83 -0.81 17.13
N GLY A 209 -6.85 -1.72 18.10
CA GLY A 209 -7.31 -3.06 17.84
C GLY A 209 -6.28 -3.90 17.11
N GLY A 210 -6.74 -5.02 16.56
CA GLY A 210 -5.84 -5.97 15.94
C GLY A 210 -5.98 -5.95 14.43
N LEU A 211 -5.53 -7.02 13.78
CA LEU A 211 -5.61 -7.09 12.33
C LEU A 211 -6.97 -7.64 11.90
N ILE A 212 -7.58 -6.98 10.93
CA ILE A 212 -8.91 -7.34 10.47
C ILE A 212 -8.82 -8.46 9.42
N ASP A 213 -7.68 -8.56 8.76
CA ASP A 213 -7.41 -9.65 7.84
C ASP A 213 -5.90 -9.89 7.76
N SER A 214 -5.51 -10.87 6.96
CA SER A 214 -4.09 -11.14 6.73
C SER A 214 -3.86 -11.38 5.24
N LYS A 215 -2.99 -10.56 4.65
CA LYS A 215 -2.74 -10.65 3.23
C LYS A 215 -1.33 -10.20 2.89
N GLY A 216 -1.00 -10.14 1.61
CA GLY A 216 0.34 -9.77 1.22
C GLY A 216 0.43 -8.61 0.25
N TYR A 217 1.62 -8.01 0.19
CA TYR A 217 1.99 -7.13 -0.92
C TYR A 217 2.68 -7.92 -2.04
N GLY A 218 2.45 -7.54 -3.27
CA GLY A 218 3.11 -8.22 -4.38
C GLY A 218 3.49 -7.23 -5.45
N ILE A 219 4.48 -7.60 -6.25
CA ILE A 219 4.81 -6.81 -7.43
C ILE A 219 3.82 -7.14 -8.51
N GLY A 220 3.06 -6.13 -8.94
CA GLY A 220 2.04 -6.32 -9.95
C GLY A 220 2.64 -6.48 -11.33
N THR A 221 2.04 -7.35 -12.15
CA THR A 221 2.40 -7.45 -13.57
C THR A 221 1.13 -7.60 -14.39
N PRO A 222 1.21 -7.31 -15.70
CA PRO A 222 0.06 -7.65 -16.53
C PRO A 222 -0.11 -9.16 -16.54
N MET A 223 -1.36 -9.58 -16.67
CA MET A 223 -1.66 -11.00 -16.61
C MET A 223 -0.90 -11.69 -17.73
N GLY A 224 -0.18 -12.75 -17.39
CA GLY A 224 0.61 -13.48 -18.37
C GLY A 224 1.90 -12.79 -18.76
N SER A 225 2.45 -11.99 -17.84
CA SER A 225 3.77 -11.41 -18.00
C SER A 225 4.86 -12.49 -17.99
N PRO A 226 5.88 -12.35 -18.84
CA PRO A 226 7.03 -13.25 -18.85
C PRO A 226 8.07 -12.95 -17.79
N TYR A 227 7.91 -11.86 -17.03
CA TYR A 227 8.91 -11.50 -16.03
C TYR A 227 8.49 -11.92 -14.64
N ARG A 228 7.18 -12.14 -14.48
CA ARG A 228 6.57 -12.42 -13.17
C ARG A 228 7.20 -13.62 -12.43
N ASP A 229 7.43 -14.72 -13.15
CA ASP A 229 7.95 -15.93 -12.52
C ASP A 229 9.36 -15.76 -12.00
N LYS A 230 10.22 -15.13 -12.78
CA LYS A 230 11.60 -15.00 -12.34
C LYS A 230 11.70 -14.04 -11.16
N ILE A 231 10.88 -12.99 -11.19
CA ILE A 231 10.77 -12.09 -10.05
C ILE A 231 10.32 -12.84 -8.79
N THR A 232 9.30 -13.68 -8.95
CA THR A 232 8.83 -14.53 -7.86
C THR A 232 9.92 -15.42 -7.28
N ILE A 233 10.73 -16.02 -8.15
CA ILE A 233 11.80 -16.90 -7.67
C ILE A 233 12.88 -16.07 -6.97
N ALA A 234 13.22 -14.94 -7.56
CA ALA A 234 14.17 -14.01 -6.99
C ALA A 234 13.73 -13.59 -5.60
N ILE A 235 12.45 -13.23 -5.47
CA ILE A 235 11.90 -12.87 -4.17
C ILE A 235 12.05 -14.04 -3.21
N LEU A 236 11.72 -15.24 -3.70
CA LEU A 236 11.75 -16.43 -2.84
C LEU A 236 13.12 -16.65 -2.23
N GLN A 237 14.17 -16.53 -3.04
CA GLN A 237 15.51 -16.71 -2.52
C GLN A 237 15.95 -15.61 -1.53
N LEU A 238 15.61 -14.35 -1.82
CA LEU A 238 15.89 -13.26 -0.89
C LEU A 238 15.29 -13.58 0.50
N GLN A 239 14.10 -14.16 0.49
CA GLN A 239 13.38 -14.46 1.70
C GLN A 239 14.01 -15.56 2.56
N GLU A 240 14.68 -16.51 1.93
CA GLU A 240 15.22 -17.66 2.65
C GLU A 240 16.43 -17.25 3.48
N GLU A 241 17.09 -16.18 3.05
CA GLU A 241 18.26 -15.66 3.72
C GLU A 241 17.88 -14.44 4.54
N ASP A 242 16.56 -14.24 4.67
CA ASP A 242 15.99 -13.15 5.46
C ASP A 242 16.40 -11.74 5.02
N LYS A 243 16.71 -11.58 3.73
CA LYS A 243 17.05 -10.27 3.17
C LYS A 243 15.92 -9.23 3.24
N LEU A 244 14.69 -9.69 3.08
CA LEU A 244 13.55 -8.79 3.14
C LEU A 244 13.29 -8.32 4.56
N HIS A 245 13.52 -9.20 5.52
CA HIS A 245 13.41 -8.83 6.94
C HIS A 245 14.39 -7.73 7.25
N ILE A 246 15.62 -7.91 6.80
CA ILE A 246 16.67 -6.92 7.00
C ILE A 246 16.33 -5.58 6.35
N MET A 247 15.93 -5.65 5.09
CA MET A 247 15.52 -4.48 4.33
C MET A 247 14.34 -3.74 5.00
N LYS A 248 13.41 -4.49 5.58
CA LYS A 248 12.33 -3.87 6.32
C LYS A 248 12.86 -3.10 7.52
N GLU A 249 13.80 -3.72 8.25
CA GLU A 249 14.41 -3.09 9.42
C GLU A 249 15.10 -1.80 9.04
N LYS A 250 15.85 -1.81 7.94
CA LYS A 250 16.52 -0.60 7.47
C LYS A 250 15.57 0.59 7.30
N TRP A 251 14.39 0.37 6.72
CA TRP A 251 13.48 1.48 6.44
C TRP A 251 12.46 1.76 7.54
N TRP A 252 12.23 0.78 8.41
CA TRP A 252 11.30 0.96 9.53
C TRP A 252 12.02 1.42 10.82
N ARG A 253 13.29 1.03 10.98
CA ARG A 253 14.08 1.39 12.16
C ARG A 253 14.20 2.89 12.37
N GLY A 254 14.29 3.30 13.64
CA GLY A 254 14.62 4.67 13.96
C GLY A 254 13.86 5.23 15.15
N SER A 255 13.23 6.38 14.89
CA SER A 255 12.66 7.25 15.89
C SER A 255 11.97 6.54 17.07
N GLY A 256 12.56 6.68 18.26
CA GLY A 256 11.96 6.10 19.47
C GLY A 256 10.86 6.99 20.01
N CYS A 257 10.10 6.46 20.98
CA CYS A 257 9.03 7.21 21.61
C CYS A 257 9.13 7.18 23.14
N PRO A 258 8.78 8.31 23.79
CA PRO A 258 8.77 8.47 25.26
C PRO A 258 7.97 7.40 26.00
#